data_6GRN
#
_entry.id   6GRN
#
_cell.length_a   83.109
_cell.length_b   83.318
_cell.length_c   110.962
_cell.angle_alpha   90.00
_cell.angle_beta   90.00
_cell.angle_gamma   90.00
#
_symmetry.space_group_name_H-M   'I 2 2 2'
#
loop_
_entity.id
_entity.type
_entity.pdbx_description
1 polymer 'Exoglucanase 1'
2 non-polymer 2-acetamido-2-deoxy-beta-D-glucopyranose
3 non-polymer 'COBALT (II) ION'
4 non-polymer 2-[[(2~{S})-3-naphthalen-1-yloxy-2-oxidanyl-propyl]amino]propane-1,3-diol
5 water water
#
_entity_poly.entity_id   1
_entity_poly.type   'polypeptide(L)'
_entity_poly.pdbx_seq_one_letter_code
;(PCA)SACTLQSETHPPLTWQKCSSGGTCTQQTGSVVIDANWRWTHATNSSTNCYDGNTWSSTLCPDNETCAKNCCLDGA
AYASTYGVTTSGNSLSIGFVTQSAQKNVGARLYLMASDTTYQEFTLLGNEFSFDVDVSQLPCGLNGALYFVSMDADGGVS
KYPTNTAGAKYGTGYCDSQCPRDLKFINGQANVEGWEPSSNNANTGIGGHGSCCSEMDIWEANSISEALTPHPCTTVGQE
ICEGDGCGGTYSDNRYGGTCDPDGCDWNPYRLGNTSFYGPGSSFTLDTTKKLTVVTQFETSGAINRYYVQNGVTFQQPNA
ELGSYSGNELNDDYCTAEEAEFGGSSFSDKGGLTQFKKATSGGMVLVMSLWDDYYANMLWLDSTYPTNETSSTPGAVRGS
CSTSSGVPAQVESQSPNAKVTFSNIKFGPIGSTGNPSG
;
_entity_poly.pdbx_strand_id   A
#
loop_
_chem_comp.id
_chem_comp.type
_chem_comp.name
_chem_comp.formula
CO non-polymer 'COBALT (II) ION' 'Co 2'
F9B non-polymer 2-[[(2~{S})-3-naphthalen-1-yloxy-2-oxidanyl-propyl]amino]propane-1,3-diol 'C16 H21 N O4'
NAG D-saccharide, beta linking 2-acetamido-2-deoxy-beta-D-glucopyranose 'C8 H15 N O6'
#
# COMPACT_ATOMS: atom_id res chain seq x y z
N PCA A 1 0.66 -18.06 -13.41
CA PCA A 1 1.93 -18.72 -13.19
CB PCA A 1 2.79 -17.59 -12.61
CG PCA A 1 1.81 -16.65 -11.95
CD PCA A 1 0.52 -16.98 -12.66
OE PCA A 1 -0.49 -16.35 -12.56
C PCA A 1 1.88 -19.81 -12.18
O PCA A 1 0.99 -19.82 -11.32
N SER A 2 2.83 -20.73 -12.26
CA SER A 2 2.99 -21.76 -11.27
C SER A 2 4.03 -21.34 -10.24
N ALA A 3 4.25 -22.21 -9.26
CA ALA A 3 5.28 -22.02 -8.27
C ALA A 3 6.41 -23.03 -8.47
N CYS A 4 7.62 -22.55 -8.33
CA CYS A 4 8.82 -23.40 -8.34
C CYS A 4 9.47 -23.31 -6.96
N THR A 5 10.39 -24.24 -6.69
CA THR A 5 10.98 -24.40 -5.36
C THR A 5 12.50 -24.50 -5.41
N LEU A 6 13.13 -23.78 -6.35
CA LEU A 6 14.58 -23.63 -6.31
C LEU A 6 15.06 -22.88 -5.05
N GLN A 7 14.20 -21.99 -4.53
N GLN A 7 14.25 -21.95 -4.54
CA GLN A 7 14.44 -21.25 -3.29
CA GLN A 7 14.49 -21.33 -3.21
C GLN A 7 13.21 -21.50 -2.40
C GLN A 7 13.23 -21.54 -2.41
N SER A 8 13.40 -21.94 -1.16
CA SER A 8 12.24 -22.28 -0.32
C SER A 8 11.47 -20.99 0.06
N GLU A 9 10.17 -21.16 0.31
CA GLU A 9 9.31 -20.04 0.71
C GLU A 9 8.86 -20.26 2.17
N THR A 10 9.44 -19.50 3.09
CA THR A 10 9.06 -19.54 4.50
C THR A 10 8.59 -18.13 4.85
N HIS A 11 7.28 -17.98 5.09
CA HIS A 11 6.70 -16.65 5.39
C HIS A 11 7.11 -16.24 6.79
N PRO A 12 7.73 -15.07 6.94
CA PRO A 12 8.04 -14.59 8.30
C PRO A 12 6.77 -14.51 9.18
N PRO A 13 6.78 -15.15 10.37
CA PRO A 13 5.60 -15.08 11.25
C PRO A 13 5.31 -13.69 11.79
N LEU A 14 4.05 -13.40 12.08
CA LEU A 14 3.68 -12.11 12.63
C LEU A 14 2.39 -12.28 13.40
N THR A 15 2.40 -11.90 14.67
CA THR A 15 1.18 -12.00 15.49
C THR A 15 0.48 -10.66 15.55
N TRP A 16 -0.80 -10.74 15.89
CA TRP A 16 -1.63 -9.54 16.02
C TRP A 16 -2.76 -9.85 16.97
N GLN A 17 -3.48 -8.82 17.42
CA GLN A 17 -4.53 -9.05 18.44
C GLN A 17 -5.89 -8.85 17.84
N LYS A 18 -6.81 -9.80 18.10
CA LYS A 18 -8.22 -9.67 17.77
CA LYS A 18 -8.22 -9.65 17.76
C LYS A 18 -8.93 -9.31 19.06
N CYS A 19 -9.56 -8.14 19.10
CA CYS A 19 -10.22 -7.63 20.31
C CYS A 19 -11.73 -7.74 20.21
N SER A 20 -12.38 -7.80 21.38
CA SER A 20 -13.83 -8.04 21.45
C SER A 20 -14.54 -6.93 22.22
N SER A 21 -15.82 -6.74 21.93
CA SER A 21 -16.62 -5.72 22.59
C SER A 21 -16.64 -5.90 24.13
N GLY A 22 -16.47 -7.13 24.59
CA GLY A 22 -16.44 -7.44 26.02
C GLY A 22 -15.18 -7.04 26.75
N GLY A 23 -14.18 -6.52 26.03
CA GLY A 23 -13.03 -5.85 26.67
C GLY A 23 -11.75 -6.65 26.75
N THR A 24 -11.72 -7.84 26.16
CA THR A 24 -10.50 -8.63 26.10
C THR A 24 -10.04 -8.74 24.65
N CYS A 25 -8.76 -9.02 24.51
CA CYS A 25 -8.12 -9.26 23.20
C CYS A 25 -7.41 -10.61 23.27
N THR A 26 -7.38 -11.33 22.14
N THR A 26 -7.34 -11.29 22.13
CA THR A 26 -6.66 -12.60 22.04
CA THR A 26 -6.74 -12.63 21.98
C THR A 26 -5.70 -12.57 20.88
C THR A 26 -5.73 -12.61 20.85
N GLN A 27 -4.57 -13.21 21.07
CA GLN A 27 -3.52 -13.25 20.07
C GLN A 27 -3.88 -14.17 18.92
N GLN A 28 -3.58 -13.68 17.72
CA GLN A 28 -3.69 -14.42 16.49
C GLN A 28 -2.29 -14.59 15.92
N THR A 29 -2.04 -15.71 15.25
CA THR A 29 -0.74 -15.94 14.64
C THR A 29 -0.92 -15.97 13.13
N GLY A 30 -0.28 -15.02 12.47
CA GLY A 30 -0.25 -14.98 11.02
C GLY A 30 1.18 -15.02 10.54
N SER A 31 1.36 -14.51 9.33
CA SER A 31 2.68 -14.36 8.74
C SER A 31 2.59 -13.35 7.60
N VAL A 32 3.73 -13.00 7.01
CA VAL A 32 3.70 -12.07 5.87
C VAL A 32 4.29 -12.71 4.62
N VAL A 33 3.80 -12.30 3.46
CA VAL A 33 4.29 -12.82 2.17
C VAL A 33 4.57 -11.65 1.24
N ILE A 34 5.66 -11.77 0.49
CA ILE A 34 6.01 -10.73 -0.45
C ILE A 34 5.27 -10.88 -1.78
N ASP A 35 4.89 -9.74 -2.33
CA ASP A 35 4.20 -9.66 -3.60
C ASP A 35 5.04 -10.32 -4.73
N ALA A 36 4.33 -10.99 -5.62
CA ALA A 36 4.91 -11.72 -6.74
C ALA A 36 5.86 -10.90 -7.61
N ASN A 37 5.62 -9.59 -7.75
CA ASN A 37 6.52 -8.74 -8.58
C ASN A 37 7.96 -8.69 -8.12
N TRP A 38 8.20 -8.91 -6.83
CA TRP A 38 9.56 -8.87 -6.30
C TRP A 38 10.32 -10.17 -6.53
N ARG A 39 9.62 -11.24 -6.92
CA ARG A 39 10.20 -12.55 -7.04
C ARG A 39 10.91 -12.75 -8.37
N TRP A 40 11.77 -13.76 -8.36
CA TRP A 40 12.42 -14.29 -9.54
C TRP A 40 11.36 -15.10 -10.31
N THR A 41 11.18 -14.75 -11.58
CA THR A 41 10.27 -15.47 -12.46
C THR A 41 11.11 -16.21 -13.50
N HIS A 42 11.03 -17.55 -13.49
CA HIS A 42 11.85 -18.37 -14.41
C HIS A 42 11.08 -19.50 -15.05
N ALA A 43 11.71 -20.13 -16.04
CA ALA A 43 11.10 -21.27 -16.73
C ALA A 43 10.82 -22.41 -15.75
N THR A 44 9.72 -23.13 -15.95
CA THR A 44 9.30 -24.17 -14.98
C THR A 44 10.33 -25.30 -14.77
N ASN A 45 11.11 -25.58 -15.82
CA ASN A 45 12.05 -26.70 -15.82
C ASN A 45 13.53 -26.31 -15.88
N SER A 46 13.86 -25.03 -15.69
CA SER A 46 15.26 -24.59 -15.66
C SER A 46 15.37 -23.28 -14.88
N SER A 47 16.59 -22.75 -14.79
CA SER A 47 16.84 -21.45 -14.14
CA SER A 47 16.81 -21.45 -14.13
C SER A 47 16.80 -20.27 -15.12
N THR A 48 16.40 -20.50 -16.38
CA THR A 48 16.35 -19.43 -17.36
C THR A 48 15.26 -18.42 -16.97
N ASN A 49 15.61 -17.15 -16.94
CA ASN A 49 14.69 -16.10 -16.55
C ASN A 49 13.58 -15.96 -17.58
N CYS A 50 12.33 -15.78 -17.14
CA CYS A 50 11.26 -15.33 -18.05
C CYS A 50 11.24 -13.83 -18.13
N TYR A 51 11.69 -13.17 -17.04
CA TYR A 51 11.77 -11.72 -16.95
C TYR A 51 13.12 -11.39 -16.35
N ASP A 52 13.80 -10.39 -16.91
CA ASP A 52 15.10 -9.98 -16.38
C ASP A 52 15.33 -8.51 -16.72
N GLY A 53 15.83 -7.77 -15.76
CA GLY A 53 15.93 -6.33 -15.88
C GLY A 53 14.54 -5.76 -16.01
N ASN A 54 14.20 -5.24 -17.17
CA ASN A 54 12.82 -4.82 -17.43
C ASN A 54 12.24 -5.31 -18.73
N THR A 55 12.71 -6.48 -19.14
CA THR A 55 12.32 -7.09 -20.40
C THR A 55 11.94 -8.52 -20.12
N TRP A 56 10.99 -8.99 -20.89
CA TRP A 56 10.61 -10.40 -20.89
C TRP A 56 11.39 -11.20 -21.96
N SER A 57 11.53 -12.49 -21.70
CA SER A 57 11.99 -13.45 -22.70
C SER A 57 11.01 -13.54 -23.87
N SER A 58 11.45 -13.15 -25.06
CA SER A 58 10.62 -13.24 -26.26
C SER A 58 10.29 -14.70 -26.66
N THR A 59 11.11 -15.66 -26.24
CA THR A 59 10.92 -17.07 -26.58
C THR A 59 10.02 -17.79 -25.55
N LEU A 60 10.27 -17.57 -24.25
CA LEU A 60 9.43 -18.15 -23.20
C LEU A 60 8.10 -17.43 -23.09
N CYS A 61 8.08 -16.14 -23.39
CA CYS A 61 6.90 -15.31 -23.20
C CYS A 61 6.49 -14.56 -24.46
N PRO A 62 6.11 -15.31 -25.54
CA PRO A 62 5.68 -14.67 -26.77
C PRO A 62 4.30 -14.01 -26.70
N ASP A 63 3.49 -14.44 -25.73
CA ASP A 63 2.15 -13.90 -25.49
C ASP A 63 1.80 -14.23 -24.03
N ASN A 64 0.72 -13.64 -23.54
CA ASN A 64 0.40 -13.71 -22.10
C ASN A 64 0.13 -15.12 -21.58
N GLU A 65 -0.55 -15.94 -22.38
CA GLU A 65 -0.92 -17.29 -21.96
C GLU A 65 0.27 -18.24 -21.97
N THR A 66 1.05 -18.21 -23.05
CA THR A 66 2.19 -19.10 -23.19
C THR A 66 3.20 -18.81 -22.08
N CYS A 67 3.38 -17.51 -21.83
CA CYS A 67 4.24 -17.05 -20.76
C CYS A 67 3.87 -17.68 -19.42
N ALA A 68 2.58 -17.62 -19.06
CA ALA A 68 2.12 -18.14 -17.78
C ALA A 68 2.26 -19.66 -17.69
N LYS A 69 2.10 -20.32 -18.82
CA LYS A 69 2.30 -21.77 -18.90
C LYS A 69 3.78 -22.14 -18.74
N ASN A 70 4.65 -21.37 -19.37
CA ASN A 70 6.07 -21.66 -19.33
C ASN A 70 6.80 -21.24 -18.05
N CYS A 71 6.17 -20.36 -17.24
CA CYS A 71 6.91 -19.63 -16.21
C CYS A 71 6.37 -19.85 -14.80
N CYS A 72 7.26 -19.72 -13.83
CA CYS A 72 6.90 -19.83 -12.44
C CYS A 72 7.56 -18.77 -11.59
N LEU A 73 6.92 -18.53 -10.44
CA LEU A 73 7.47 -17.71 -9.37
C LEU A 73 8.19 -18.60 -8.38
N ASP A 74 9.31 -18.13 -7.88
CA ASP A 74 10.07 -18.86 -6.89
C ASP A 74 10.03 -18.19 -5.52
N GLY A 75 10.64 -18.86 -4.55
CA GLY A 75 10.67 -18.40 -3.18
C GLY A 75 11.56 -17.21 -2.93
N ALA A 76 11.34 -16.59 -1.78
CA ALA A 76 12.01 -15.35 -1.35
C ALA A 76 12.87 -15.59 -0.12
N ALA A 77 14.10 -15.07 -0.12
CA ALA A 77 14.92 -14.99 1.09
C ALA A 77 14.59 -13.64 1.74
N TYR A 78 13.65 -13.65 2.68
CA TYR A 78 13.05 -12.41 3.18
C TYR A 78 14.07 -11.44 3.74
N ALA A 79 14.95 -11.92 4.61
CA ALA A 79 15.93 -11.02 5.23
C ALA A 79 17.10 -10.62 4.31
N SER A 80 17.79 -11.60 3.73
N SER A 80 17.76 -11.62 3.75
CA SER A 80 19.02 -11.33 2.97
CA SER A 80 18.96 -11.44 2.96
C SER A 80 18.79 -10.77 1.56
C SER A 80 18.72 -10.72 1.62
N THR A 81 17.66 -11.07 0.93
CA THR A 81 17.31 -10.44 -0.34
C THR A 81 16.47 -9.18 -0.17
N TYR A 82 15.45 -9.25 0.68
CA TYR A 82 14.41 -8.19 0.69
C TYR A 82 14.41 -7.27 1.90
N GLY A 83 15.31 -7.53 2.86
CA GLY A 83 15.40 -6.70 4.05
C GLY A 83 14.13 -6.70 4.89
N VAL A 84 13.43 -7.84 4.92
CA VAL A 84 12.16 -8.00 5.63
C VAL A 84 12.41 -8.95 6.80
N THR A 85 12.15 -8.45 8.01
CA THR A 85 12.25 -9.26 9.23
C THR A 85 11.03 -9.10 10.11
N THR A 86 10.72 -10.13 10.89
CA THR A 86 9.67 -10.01 11.92
C THR A 86 10.19 -10.50 13.25
N SER A 87 9.56 -10.02 14.31
CA SER A 87 9.78 -10.53 15.67
C SER A 87 8.48 -10.35 16.46
N GLY A 88 7.79 -11.44 16.77
CA GLY A 88 6.56 -11.40 17.53
C GLY A 88 5.52 -10.59 16.79
N ASN A 89 5.18 -9.43 17.32
CA ASN A 89 4.16 -8.57 16.70
C ASN A 89 4.74 -7.44 15.85
N SER A 90 6.06 -7.46 15.60
CA SER A 90 6.76 -6.41 14.88
C SER A 90 7.27 -6.86 13.48
N LEU A 91 7.09 -5.98 12.49
CA LEU A 91 7.59 -6.15 11.13
C LEU A 91 8.48 -4.97 10.76
N SER A 92 9.69 -5.26 10.29
CA SER A 92 10.59 -4.22 9.78
C SER A 92 10.84 -4.44 8.29
N ILE A 93 10.83 -3.35 7.54
CA ILE A 93 11.11 -3.37 6.09
C ILE A 93 12.22 -2.37 5.81
N GLY A 94 13.34 -2.88 5.33
CA GLY A 94 14.49 -2.03 4.95
C GLY A 94 14.28 -1.45 3.59
N PHE A 95 14.99 -0.38 3.27
CA PHE A 95 14.79 0.31 1.98
C PHE A 95 15.62 -0.31 0.86
N VAL A 96 16.95 -0.17 0.94
CA VAL A 96 17.83 -0.79 -0.04
C VAL A 96 18.55 -1.96 0.65
N THR A 97 18.47 -3.15 0.04
CA THR A 97 19.16 -4.35 0.50
C THR A 97 20.06 -4.84 -0.62
N GLN A 98 21.35 -4.97 -0.31
CA GLN A 98 22.36 -5.46 -1.26
C GLN A 98 22.66 -6.91 -0.94
N SER A 99 22.42 -7.78 -1.91
CA SER A 99 22.77 -9.20 -1.81
C SER A 99 23.58 -9.45 -3.08
N ALA A 100 23.33 -10.53 -3.81
CA ALA A 100 23.86 -10.67 -5.17
C ALA A 100 23.38 -9.55 -6.11
N GLN A 101 22.21 -8.99 -5.82
CA GLN A 101 21.67 -7.85 -6.57
C GLN A 101 21.17 -6.83 -5.57
N LYS A 102 20.83 -5.65 -6.08
CA LYS A 102 20.22 -4.58 -5.29
C LYS A 102 18.70 -4.75 -5.30
N ASN A 103 18.07 -4.75 -4.13
CA ASN A 103 16.62 -4.72 -4.02
C ASN A 103 16.17 -3.41 -3.38
N VAL A 104 15.05 -2.85 -3.84
CA VAL A 104 14.48 -1.66 -3.25
C VAL A 104 13.07 -1.96 -2.76
N GLY A 105 12.91 -1.91 -1.45
CA GLY A 105 11.61 -1.97 -0.83
C GLY A 105 10.95 -3.33 -0.90
N ALA A 106 9.68 -3.34 -0.51
CA ALA A 106 8.87 -4.56 -0.50
C ALA A 106 7.39 -4.17 -0.37
N ARG A 107 6.52 -5.01 -0.89
CA ARG A 107 5.07 -4.94 -0.63
C ARG A 107 4.69 -6.31 -0.11
N LEU A 108 4.06 -6.33 1.06
CA LEU A 108 3.79 -7.55 1.82
C LEU A 108 2.32 -7.64 2.22
N TYR A 109 1.80 -8.87 2.29
CA TYR A 109 0.39 -9.14 2.68
C TYR A 109 0.36 -9.98 3.93
N LEU A 110 -0.61 -9.71 4.83
CA LEU A 110 -0.78 -10.55 6.02
C LEU A 110 -1.56 -11.81 5.64
N MET A 111 -1.00 -12.96 6.04
CA MET A 111 -1.59 -14.27 5.75
C MET A 111 -2.40 -14.82 6.92
N ALA A 112 -3.43 -15.61 6.58
CA ALA A 112 -4.19 -16.39 7.54
C ALA A 112 -3.61 -17.81 7.68
N SER A 113 -3.09 -18.35 6.58
CA SER A 113 -2.42 -19.66 6.59
C SER A 113 -1.34 -19.53 5.56
N ASP A 114 -0.53 -20.55 5.36
N ASP A 114 -0.57 -20.59 5.37
CA ASP A 114 0.58 -20.43 4.42
CA ASP A 114 0.53 -20.61 4.42
C ASP A 114 0.12 -20.40 2.95
C ASP A 114 0.09 -20.33 2.99
N THR A 115 -1.19 -20.56 2.69
CA THR A 115 -1.73 -20.47 1.34
C THR A 115 -2.90 -19.50 1.16
N THR A 116 -3.25 -18.69 2.18
CA THR A 116 -4.40 -17.82 2.09
C THR A 116 -4.14 -16.50 2.80
N TYR A 117 -4.67 -15.42 2.24
CA TYR A 117 -4.62 -14.09 2.88
C TYR A 117 -5.62 -13.97 4.03
N GLN A 118 -5.24 -13.19 5.05
CA GLN A 118 -6.14 -12.82 6.12
C GLN A 118 -7.10 -11.73 5.58
N GLU A 119 -8.39 -11.90 5.80
CA GLU A 119 -9.36 -10.85 5.40
C GLU A 119 -9.86 -10.15 6.65
N PHE A 120 -10.06 -8.85 6.52
CA PHE A 120 -10.59 -7.99 7.59
C PHE A 120 -11.83 -7.27 7.06
N THR A 121 -12.91 -7.29 7.83
CA THR A 121 -14.11 -6.48 7.55
C THR A 121 -13.97 -5.21 8.39
N LEU A 122 -13.68 -4.09 7.73
CA LEU A 122 -13.41 -2.85 8.44
C LEU A 122 -14.66 -2.18 9.03
N LEU A 123 -15.79 -2.25 8.33
CA LEU A 123 -16.97 -1.49 8.75
C LEU A 123 -17.45 -1.92 10.13
N GLY A 124 -17.61 -0.93 11.00
CA GLY A 124 -18.01 -1.15 12.39
C GLY A 124 -16.86 -1.44 13.34
N ASN A 125 -15.66 -1.57 12.79
CA ASN A 125 -14.49 -1.95 13.55
C ASN A 125 -13.41 -0.85 13.52
N GLU A 126 -12.33 -1.08 14.26
CA GLU A 126 -11.18 -0.18 14.26
C GLU A 126 -9.91 -0.99 14.16
N PHE A 127 -8.87 -0.32 13.69
CA PHE A 127 -7.59 -0.95 13.40
C PHE A 127 -6.57 -0.03 14.05
N SER A 128 -5.75 -0.61 14.94
CA SER A 128 -4.71 0.09 15.68
C SER A 128 -3.36 -0.51 15.34
N PHE A 129 -2.36 0.33 15.17
CA PHE A 129 -0.98 -0.15 15.08
C PHE A 129 -0.01 0.88 15.59
N ASP A 130 1.20 0.41 15.87
CA ASP A 130 2.30 1.29 16.22
C ASP A 130 3.25 1.38 15.04
N VAL A 131 3.87 2.53 14.89
CA VAL A 131 4.80 2.71 13.79
C VAL A 131 5.99 3.54 14.22
N ASP A 132 7.17 3.16 13.75
CA ASP A 132 8.34 4.01 13.83
C ASP A 132 8.66 4.48 12.42
N VAL A 133 8.49 5.78 12.17
CA VAL A 133 8.80 6.42 10.90
C VAL A 133 10.09 7.24 10.95
N SER A 134 10.86 7.12 12.04
CA SER A 134 11.98 8.02 12.27
C SER A 134 13.05 7.89 11.20
N GLN A 135 13.18 6.70 10.61
CA GLN A 135 14.19 6.44 9.57
C GLN A 135 13.65 6.58 8.14
N LEU A 136 12.55 7.31 7.97
CA LEU A 136 11.97 7.60 6.66
C LEU A 136 12.12 9.09 6.31
N PRO A 137 13.04 9.42 5.40
CA PRO A 137 13.16 10.80 4.97
C PRO A 137 12.20 11.16 3.82
N CYS A 138 12.25 12.43 3.40
CA CYS A 138 11.53 12.90 2.23
C CYS A 138 11.67 11.91 1.08
N GLY A 139 10.56 11.66 0.37
CA GLY A 139 10.56 10.82 -0.81
C GLY A 139 10.27 9.36 -0.59
N LEU A 140 10.22 8.93 0.67
CA LEU A 140 9.85 7.53 0.99
C LEU A 140 8.41 7.47 1.53
N ASN A 141 7.80 6.31 1.35
CA ASN A 141 6.46 6.04 1.86
C ASN A 141 6.45 4.66 2.53
N GLY A 142 6.34 4.64 3.85
CA GLY A 142 6.05 3.44 4.63
C GLY A 142 4.53 3.37 4.74
N ALA A 143 3.94 2.46 3.99
CA ALA A 143 2.48 2.41 3.88
C ALA A 143 1.88 1.19 4.58
N LEU A 144 0.75 1.42 5.25
CA LEU A 144 -0.12 0.37 5.77
C LEU A 144 -1.52 0.66 5.24
N TYR A 145 -2.07 -0.30 4.53
CA TYR A 145 -3.33 -0.12 3.83
C TYR A 145 -4.05 -1.41 3.53
N PHE A 146 -5.28 -1.27 3.04
CA PHE A 146 -6.12 -2.42 2.71
C PHE A 146 -6.59 -2.32 1.26
N VAL A 147 -6.70 -3.49 0.63
CA VAL A 147 -7.22 -3.56 -0.73
C VAL A 147 -8.18 -4.73 -0.84
N SER A 148 -9.12 -4.65 -1.77
CA SER A 148 -10.14 -5.69 -1.94
C SER A 148 -9.65 -6.85 -2.85
N MET A 149 -8.65 -7.59 -2.37
CA MET A 149 -8.08 -8.74 -3.04
C MET A 149 -8.83 -10.01 -2.66
N ASP A 150 -8.76 -11.01 -3.54
CA ASP A 150 -9.29 -12.36 -3.25
C ASP A 150 -8.39 -13.05 -2.23
N ALA A 151 -8.99 -13.81 -1.31
CA ALA A 151 -8.24 -14.49 -0.25
C ALA A 151 -7.23 -15.54 -0.78
N ASP A 152 -7.51 -16.13 -1.94
CA ASP A 152 -6.61 -17.12 -2.54
C ASP A 152 -5.61 -16.53 -3.52
N GLY A 153 -5.59 -15.19 -3.66
CA GLY A 153 -4.72 -14.57 -4.67
C GLY A 153 -5.16 -14.72 -6.13
N GLY A 154 -6.39 -15.19 -6.35
CA GLY A 154 -6.96 -15.32 -7.70
C GLY A 154 -7.09 -16.75 -8.24
N VAL A 155 -6.60 -17.73 -7.50
CA VAL A 155 -6.50 -19.10 -8.01
C VAL A 155 -7.88 -19.66 -8.45
N SER A 156 -8.93 -19.45 -7.66
CA SER A 156 -10.24 -20.04 -7.99
C SER A 156 -10.83 -19.51 -9.29
N LYS A 157 -10.59 -18.24 -9.55
CA LYS A 157 -11.11 -17.59 -10.76
C LYS A 157 -10.24 -17.85 -11.97
N TYR A 158 -8.93 -18.04 -11.76
CA TYR A 158 -7.93 -18.11 -12.86
C TYR A 158 -7.00 -19.30 -12.61
N PRO A 159 -7.45 -20.50 -12.99
CA PRO A 159 -6.68 -21.69 -12.60
C PRO A 159 -5.30 -21.83 -13.26
N THR A 160 -4.97 -21.00 -14.26
CA THR A 160 -3.58 -20.94 -14.75
C THR A 160 -2.65 -20.21 -13.76
N ASN A 161 -3.20 -19.59 -12.72
CA ASN A 161 -2.44 -19.18 -11.53
C ASN A 161 -2.55 -20.30 -10.53
N THR A 162 -1.49 -21.10 -10.38
CA THR A 162 -1.44 -22.11 -9.34
C THR A 162 -0.52 -21.74 -8.19
N ALA A 163 0.16 -20.58 -8.26
CA ALA A 163 1.07 -20.15 -7.23
C ALA A 163 0.33 -19.58 -6.02
N GLY A 164 -0.61 -18.67 -6.30
CA GLY A 164 -1.56 -18.20 -5.33
C GLY A 164 -1.03 -17.22 -4.29
N ALA A 165 -1.80 -17.08 -3.23
CA ALA A 165 -1.45 -16.21 -2.11
C ALA A 165 -0.11 -16.60 -1.47
N LYS A 166 0.23 -17.89 -1.51
CA LYS A 166 1.51 -18.36 -0.95
C LYS A 166 2.71 -17.64 -1.59
N TYR A 167 2.54 -17.21 -2.84
CA TYR A 167 3.56 -16.48 -3.60
C TYR A 167 3.15 -15.03 -3.93
N GLY A 168 2.21 -14.49 -3.15
CA GLY A 168 1.82 -13.09 -3.27
C GLY A 168 1.19 -12.66 -4.58
N THR A 169 0.38 -13.52 -5.17
CA THR A 169 -0.37 -13.16 -6.38
C THR A 169 -1.63 -12.39 -6.04
N GLY A 170 -2.23 -11.81 -7.09
CA GLY A 170 -3.57 -11.23 -7.05
C GLY A 170 -3.69 -9.78 -6.65
N TYR A 171 -2.57 -9.06 -6.56
CA TYR A 171 -2.64 -7.67 -6.10
C TYR A 171 -3.51 -6.80 -7.01
N CYS A 172 -4.12 -5.80 -6.40
CA CYS A 172 -4.85 -4.74 -7.08
C CYS A 172 -4.86 -3.53 -6.15
N ASP A 173 -5.04 -2.35 -6.71
CA ASP A 173 -5.31 -1.19 -5.89
C ASP A 173 -5.99 -0.12 -6.74
N SER A 174 -6.18 1.06 -6.19
CA SER A 174 -6.95 2.11 -6.84
C SER A 174 -6.22 2.80 -7.98
N GLN A 175 -4.93 2.48 -8.17
CA GLN A 175 -4.17 2.95 -9.34
C GLN A 175 -4.35 2.05 -10.56
N CYS A 176 -5.08 0.94 -10.42
CA CYS A 176 -5.24 -0.05 -11.49
C CYS A 176 -3.86 -0.42 -12.05
N PRO A 177 -2.94 -0.85 -11.16
CA PRO A 177 -1.54 -0.99 -11.56
C PRO A 177 -1.29 -1.88 -12.77
N ARG A 178 -0.52 -1.34 -13.71
CA ARG A 178 -0.14 -2.02 -14.93
C ARG A 178 1.32 -2.51 -14.91
N ASP A 179 2.04 -2.22 -13.84
CA ASP A 179 3.42 -2.74 -13.67
C ASP A 179 3.47 -4.20 -13.21
N LEU A 180 2.32 -4.78 -12.90
CA LEU A 180 2.24 -6.18 -12.48
C LEU A 180 2.60 -7.14 -13.60
N LYS A 181 3.44 -8.10 -13.28
CA LYS A 181 3.92 -9.03 -14.32
C LYS A 181 2.92 -10.14 -14.62
N PHE A 182 2.12 -10.53 -13.63
CA PHE A 182 1.01 -11.46 -13.85
C PHE A 182 -0.28 -10.85 -13.29
N ILE A 183 -1.35 -10.89 -14.09
CA ILE A 183 -2.69 -10.52 -13.70
C ILE A 183 -3.65 -11.60 -14.24
N ASN A 184 -4.54 -12.08 -13.37
CA ASN A 184 -5.59 -13.06 -13.73
C ASN A 184 -5.00 -14.33 -14.36
N GLY A 185 -3.87 -14.82 -13.85
CA GLY A 185 -3.31 -16.10 -14.33
C GLY A 185 -2.63 -16.05 -15.71
N GLN A 186 -2.43 -14.84 -16.19
CA GLN A 186 -1.76 -14.59 -17.45
C GLN A 186 -0.63 -13.61 -17.16
N ALA A 187 0.46 -13.71 -17.92
CA ALA A 187 1.49 -12.66 -17.85
C ALA A 187 0.96 -11.36 -18.42
N ASN A 188 1.78 -10.31 -18.29
CA ASN A 188 1.43 -8.99 -18.80
C ASN A 188 2.46 -8.55 -19.87
N VAL A 189 3.05 -9.52 -20.56
CA VAL A 189 4.04 -9.23 -21.61
C VAL A 189 3.50 -8.48 -22.83
N GLU A 190 2.25 -8.76 -23.21
CA GLU A 190 1.64 -8.08 -24.34
C GLU A 190 1.51 -6.58 -24.02
N GLY A 191 2.11 -5.75 -24.88
CA GLY A 191 2.10 -4.33 -24.67
C GLY A 191 3.12 -3.79 -23.67
N TRP A 192 4.01 -4.65 -23.20
CA TRP A 192 4.99 -4.24 -22.18
C TRP A 192 5.90 -3.12 -22.70
N GLU A 193 6.03 -2.08 -21.89
CA GLU A 193 6.94 -0.97 -22.17
C GLU A 193 7.87 -0.81 -21.00
N PRO A 194 9.18 -0.97 -21.24
CA PRO A 194 10.09 -0.82 -20.09
C PRO A 194 10.05 0.61 -19.56
N SER A 195 10.24 0.77 -18.26
CA SER A 195 10.33 2.09 -17.63
C SER A 195 11.57 2.85 -18.11
N SER A 196 11.39 4.10 -18.51
CA SER A 196 12.50 4.97 -18.92
C SER A 196 13.51 5.20 -17.77
N ASN A 197 13.05 5.18 -16.52
CA ASN A 197 13.88 5.56 -15.39
C ASN A 197 14.08 4.47 -14.34
N ASN A 198 13.68 3.23 -14.63
CA ASN A 198 13.83 2.15 -13.68
C ASN A 198 14.25 0.90 -14.43
N ALA A 199 15.44 0.41 -14.14
CA ALA A 199 16.00 -0.76 -14.80
C ALA A 199 15.21 -2.04 -14.54
N ASN A 200 14.35 -2.04 -13.52
CA ASN A 200 13.68 -3.25 -13.08
C ASN A 200 12.19 -3.31 -13.39
N THR A 201 11.59 -2.27 -13.95
CA THR A 201 10.14 -2.22 -14.09
C THR A 201 9.68 -1.81 -15.46
N GLY A 202 8.39 -2.04 -15.71
CA GLY A 202 7.72 -1.48 -16.88
C GLY A 202 6.21 -1.42 -16.67
N ILE A 203 5.51 -1.28 -17.78
CA ILE A 203 4.04 -1.10 -17.80
C ILE A 203 3.52 -2.02 -18.89
N GLY A 204 2.54 -2.87 -18.54
CA GLY A 204 1.93 -3.77 -19.50
C GLY A 204 0.58 -3.34 -20.05
N GLY A 205 0.04 -4.17 -20.95
CA GLY A 205 -1.26 -3.91 -21.57
C GLY A 205 -2.47 -4.08 -20.66
N HIS A 206 -2.30 -4.73 -19.50
CA HIS A 206 -3.39 -4.94 -18.53
C HIS A 206 -3.03 -4.33 -17.20
N GLY A 207 -4.05 -3.94 -16.42
CA GLY A 207 -3.85 -3.53 -15.03
C GLY A 207 -4.84 -4.26 -14.13
N SER A 208 -4.69 -4.06 -12.81
CA SER A 208 -5.53 -4.77 -11.85
C SER A 208 -6.13 -3.79 -10.84
N CYS A 209 -7.45 -3.57 -10.91
CA CYS A 209 -8.17 -2.52 -10.17
C CYS A 209 -8.85 -3.12 -8.96
N CYS A 210 -8.81 -2.42 -7.84
CA CYS A 210 -9.79 -2.59 -6.76
C CYS A 210 -9.77 -1.44 -5.76
N SER A 211 -10.79 -1.43 -4.91
CA SER A 211 -10.91 -0.49 -3.81
C SER A 211 -9.68 -0.54 -2.90
N GLU A 212 -9.28 0.62 -2.40
CA GLU A 212 -8.05 0.77 -1.63
C GLU A 212 -8.32 1.69 -0.43
N MET A 213 -8.06 1.20 0.77
CA MET A 213 -8.13 2.02 1.99
C MET A 213 -6.72 2.34 2.48
N ASP A 214 -6.25 3.56 2.20
CA ASP A 214 -4.92 3.94 2.66
C ASP A 214 -4.99 4.46 4.07
N ILE A 215 -4.84 3.56 5.04
CA ILE A 215 -4.88 3.96 6.43
C ILE A 215 -3.68 4.89 6.71
N TRP A 216 -2.52 4.55 6.16
CA TRP A 216 -1.27 5.21 6.54
C TRP A 216 -0.33 5.28 5.38
N GLU A 217 -0.09 6.48 4.86
CA GLU A 217 0.96 6.71 3.90
C GLU A 217 1.78 7.83 4.49
N ALA A 218 3.04 7.55 4.77
CA ALA A 218 3.79 8.43 5.64
C ALA A 218 5.31 8.26 5.61
N ASN A 219 5.97 9.34 6.00
CA ASN A 219 7.39 9.31 6.37
C ASN A 219 7.53 10.18 7.62
N SER A 220 8.74 10.60 7.96
CA SER A 220 8.99 11.40 9.16
C SER A 220 8.49 12.83 9.02
N ILE A 221 8.14 13.24 7.78
CA ILE A 221 7.68 14.60 7.48
C ILE A 221 6.17 14.77 7.29
N SER A 222 5.53 13.81 6.63
CA SER A 222 4.11 13.91 6.26
C SER A 222 3.40 12.59 6.42
N GLU A 223 2.08 12.67 6.61
CA GLU A 223 1.23 11.48 6.73
C GLU A 223 -0.16 11.82 6.22
N ALA A 224 -0.80 10.84 5.58
CA ALA A 224 -2.13 11.00 5.02
C ALA A 224 -2.97 9.75 5.23
N LEU A 225 -4.29 9.96 5.31
CA LEU A 225 -5.31 8.93 5.44
C LEU A 225 -6.24 9.08 4.25
N THR A 226 -6.40 8.06 3.42
CA THR A 226 -7.13 8.23 2.14
C THR A 226 -7.93 7.02 1.67
N PRO A 227 -9.28 7.13 1.68
CA PRO A 227 -10.09 6.11 0.97
C PRO A 227 -10.19 6.34 -0.53
N HIS A 228 -10.18 5.27 -1.32
CA HIS A 228 -10.26 5.33 -2.78
C HIS A 228 -11.35 4.35 -3.24
N PRO A 229 -12.54 4.86 -3.63
CA PRO A 229 -13.58 4.01 -4.21
C PRO A 229 -13.34 3.59 -5.67
N CYS A 230 -13.93 2.48 -6.07
CA CYS A 230 -13.96 2.01 -7.45
C CYS A 230 -15.38 1.55 -7.75
N THR A 231 -15.78 1.66 -9.01
CA THR A 231 -17.15 1.30 -9.41
C THR A 231 -17.36 -0.21 -9.41
N THR A 232 -16.30 -0.99 -9.58
CA THR A 232 -16.27 -2.39 -9.21
C THR A 232 -15.47 -2.52 -7.91
N VAL A 233 -16.07 -3.14 -6.90
CA VAL A 233 -15.47 -3.06 -5.56
C VAL A 233 -14.17 -3.86 -5.47
N GLY A 234 -14.23 -5.09 -5.99
CA GLY A 234 -13.15 -6.06 -5.88
C GLY A 234 -12.26 -6.09 -7.09
N GLN A 235 -11.35 -7.05 -7.08
CA GLN A 235 -10.29 -7.14 -8.08
C GLN A 235 -10.87 -7.31 -9.48
N GLU A 236 -10.40 -6.50 -10.41
CA GLU A 236 -10.89 -6.55 -11.79
C GLU A 236 -9.79 -6.09 -12.75
N ILE A 237 -9.52 -6.91 -13.78
CA ILE A 237 -8.60 -6.51 -14.83
C ILE A 237 -9.08 -5.30 -15.63
N CYS A 238 -8.16 -4.47 -16.10
CA CYS A 238 -8.50 -3.38 -17.01
C CYS A 238 -7.57 -3.42 -18.22
N GLU A 239 -8.00 -2.73 -19.28
CA GLU A 239 -7.34 -2.76 -20.58
C GLU A 239 -6.65 -1.44 -20.89
N GLY A 240 -5.32 -1.47 -20.92
CA GLY A 240 -4.52 -0.35 -21.37
C GLY A 240 -4.81 0.98 -20.73
N ASP A 241 -4.94 2.01 -21.55
CA ASP A 241 -5.21 3.37 -21.08
C ASP A 241 -6.60 3.54 -20.46
N GLY A 242 -7.51 2.61 -20.79
CA GLY A 242 -8.80 2.48 -20.08
C GLY A 242 -8.70 2.23 -18.59
N CYS A 243 -7.55 1.73 -18.14
CA CYS A 243 -7.24 1.57 -16.73
C CYS A 243 -7.30 2.83 -15.93
N GLY A 244 -6.88 3.96 -16.52
CA GLY A 244 -6.63 5.14 -15.72
C GLY A 244 -5.49 4.89 -14.77
N GLY A 245 -5.38 5.70 -13.72
CA GLY A 245 -4.32 5.52 -12.73
C GLY A 245 -2.99 6.10 -13.15
N THR A 246 -2.03 6.04 -12.24
CA THR A 246 -0.70 6.62 -12.46
C THR A 246 0.07 6.05 -13.66
N TYR A 247 -0.21 4.80 -14.00
CA TYR A 247 0.53 4.06 -15.03
C TYR A 247 -0.06 4.32 -16.45
N SER A 248 -1.10 5.16 -16.56
CA SER A 248 -1.79 5.44 -17.83
C SER A 248 -1.71 6.91 -18.24
N ASP A 249 -1.75 7.14 -19.56
CA ASP A 249 -1.76 8.50 -20.13
C ASP A 249 -2.79 9.42 -19.46
N ASN A 250 -4.03 8.98 -19.36
CA ASN A 250 -5.06 9.71 -18.63
C ASN A 250 -5.33 9.00 -17.31
N ARG A 251 -5.15 9.69 -16.17
CA ARG A 251 -5.39 9.05 -14.86
C ARG A 251 -6.87 8.88 -14.51
N TYR A 252 -7.77 9.65 -15.13
CA TYR A 252 -9.22 9.63 -14.75
C TYR A 252 -10.19 8.87 -15.66
N GLY A 253 -9.68 8.16 -16.65
CA GLY A 253 -10.55 7.44 -17.58
C GLY A 253 -11.26 6.19 -17.05
N GLY A 254 -10.81 5.64 -15.91
CA GLY A 254 -11.16 4.26 -15.56
C GLY A 254 -12.17 4.10 -14.44
N THR A 255 -12.15 2.92 -13.83
CA THR A 255 -13.16 2.52 -12.86
C THR A 255 -12.82 2.87 -11.41
N CYS A 256 -11.56 3.27 -11.17
CA CYS A 256 -11.12 3.60 -9.80
C CYS A 256 -10.84 5.07 -9.64
N ASP A 257 -10.94 5.54 -8.40
CA ASP A 257 -10.51 6.88 -8.06
C ASP A 257 -9.05 6.85 -7.59
N PRO A 258 -8.11 7.34 -8.42
CA PRO A 258 -6.69 7.29 -8.05
C PRO A 258 -6.24 8.42 -7.12
N ASP A 259 -7.10 9.42 -6.89
CA ASP A 259 -6.76 10.55 -6.02
C ASP A 259 -7.19 10.29 -4.59
N GLY A 260 -8.44 9.85 -4.43
CA GLY A 260 -8.99 9.62 -3.11
C GLY A 260 -9.45 10.89 -2.41
N CYS A 261 -10.16 10.69 -1.29
CA CYS A 261 -10.49 11.79 -0.39
C CYS A 261 -9.47 11.78 0.73
N ASP A 262 -8.39 12.53 0.53
CA ASP A 262 -7.24 12.43 1.41
C ASP A 262 -7.41 13.38 2.58
N TRP A 263 -6.96 12.93 3.75
CA TRP A 263 -6.86 13.76 4.93
C TRP A 263 -5.40 13.81 5.36
N ASN A 264 -4.76 14.94 5.09
CA ASN A 264 -3.37 15.19 5.47
C ASN A 264 -3.37 16.45 6.34
N PRO A 265 -3.12 16.32 7.66
CA PRO A 265 -3.28 17.49 8.53
C PRO A 265 -2.44 18.73 8.13
N TYR A 266 -1.24 18.49 7.60
CA TYR A 266 -0.40 19.59 7.10
C TYR A 266 -1.06 20.29 5.92
N ARG A 267 -1.55 19.51 4.97
CA ARG A 267 -2.25 20.05 3.80
C ARG A 267 -3.46 20.91 4.17
N LEU A 268 -4.16 20.49 5.22
CA LEU A 268 -5.34 21.19 5.73
C LEU A 268 -5.01 22.40 6.60
N GLY A 269 -3.74 22.67 6.88
CA GLY A 269 -3.32 23.89 7.59
C GLY A 269 -2.59 23.73 8.91
N ASN A 270 -2.61 22.53 9.52
CA ASN A 270 -1.95 22.33 10.79
C ASN A 270 -0.54 21.80 10.55
N THR A 271 0.37 22.75 10.37
CA THR A 271 1.74 22.41 10.01
C THR A 271 2.59 22.10 11.25
N SER A 272 1.99 22.16 12.46
CA SER A 272 2.67 21.85 13.71
C SER A 272 2.30 20.49 14.31
N PHE A 273 1.45 19.72 13.64
CA PHE A 273 0.94 18.51 14.27
C PHE A 273 1.91 17.32 14.22
N TYR A 274 2.66 17.18 13.14
CA TYR A 274 3.36 15.93 12.88
C TYR A 274 4.69 16.24 12.23
N GLY A 275 5.77 15.86 12.92
CA GLY A 275 7.09 16.06 12.35
C GLY A 275 8.18 15.75 13.33
N PRO A 276 9.44 15.86 12.89
CA PRO A 276 10.54 15.43 13.74
C PRO A 276 10.85 16.39 14.87
N GLY A 277 10.88 15.85 16.08
CA GLY A 277 11.32 16.59 17.27
C GLY A 277 10.20 17.19 18.07
N SER A 278 10.60 17.90 19.11
CA SER A 278 9.67 18.34 20.14
C SER A 278 8.86 19.57 19.79
N SER A 279 9.09 20.19 18.63
CA SER A 279 8.28 21.31 18.15
C SER A 279 6.94 20.87 17.55
N PHE A 280 6.74 19.56 17.38
CA PHE A 280 5.50 19.03 16.80
C PHE A 280 4.66 18.31 17.85
N THR A 281 3.35 18.27 17.65
CA THR A 281 2.44 17.58 18.57
C THR A 281 2.80 16.10 18.70
N LEU A 282 2.97 15.47 17.54
CA LEU A 282 3.49 14.11 17.43
C LEU A 282 4.93 14.18 16.92
N ASP A 283 5.85 13.65 17.72
CA ASP A 283 7.29 13.66 17.43
C ASP A 283 7.66 12.41 16.64
N THR A 284 7.98 12.59 15.36
CA THR A 284 8.22 11.48 14.44
C THR A 284 9.58 10.80 14.59
N THR A 285 10.43 11.33 15.48
CA THR A 285 11.61 10.60 15.95
C THR A 285 11.27 9.47 16.91
N LYS A 286 10.04 9.41 17.43
CA LYS A 286 9.64 8.38 18.39
C LYS A 286 8.45 7.57 17.86
N LYS A 287 8.30 6.36 18.37
CA LYS A 287 7.19 5.48 17.98
C LYS A 287 5.86 6.15 18.33
N LEU A 288 4.83 5.91 17.52
CA LEU A 288 3.51 6.43 17.83
C LEU A 288 2.47 5.38 17.46
N THR A 289 1.30 5.52 18.08
CA THR A 289 0.17 4.65 17.87
C THR A 289 -0.89 5.37 17.03
N VAL A 290 -1.42 4.66 16.04
CA VAL A 290 -2.39 5.22 15.09
C VAL A 290 -3.63 4.35 15.09
N VAL A 291 -4.77 4.93 15.48
CA VAL A 291 -6.06 4.20 15.54
C VAL A 291 -7.05 4.77 14.52
N THR A 292 -7.70 3.89 13.76
CA THR A 292 -8.59 4.29 12.68
C THR A 292 -9.89 3.52 12.80
N GLN A 293 -11.01 4.26 12.89
CA GLN A 293 -12.32 3.70 13.23
C GLN A 293 -13.28 3.90 12.08
N PHE A 294 -13.97 2.84 11.70
CA PHE A 294 -14.86 2.85 10.55
C PHE A 294 -16.30 2.75 10.99
N GLU A 295 -16.91 3.90 11.30
CA GLU A 295 -18.26 3.90 11.85
C GLU A 295 -19.24 3.50 10.75
N THR A 296 -20.37 2.94 11.14
CA THR A 296 -21.31 2.36 10.15
C THR A 296 -21.92 3.37 9.20
N SER A 297 -21.88 4.66 9.53
CA SER A 297 -22.30 5.72 8.58
C SER A 297 -21.44 5.76 7.32
N GLY A 298 -20.24 5.19 7.39
CA GLY A 298 -19.24 5.24 6.32
C GLY A 298 -18.19 6.30 6.51
N ALA A 299 -18.31 7.13 7.57
CA ALA A 299 -17.31 8.09 7.93
C ALA A 299 -16.15 7.41 8.61
N ILE A 300 -15.01 8.09 8.60
CA ILE A 300 -13.79 7.57 9.23
C ILE A 300 -13.28 8.50 10.32
N ASN A 301 -13.04 7.96 11.52
CA ASN A 301 -12.46 8.70 12.63
C ASN A 301 -11.06 8.20 12.96
N ARG A 302 -10.26 9.10 13.54
CA ARG A 302 -8.86 8.85 13.74
C ARG A 302 -8.39 9.45 15.05
N TYR A 303 -7.61 8.70 15.81
CA TYR A 303 -6.85 9.30 16.90
C TYR A 303 -5.48 8.68 17.02
N TYR A 304 -4.62 9.37 17.77
CA TYR A 304 -3.23 8.98 17.90
C TYR A 304 -2.89 8.93 19.38
N VAL A 305 -1.89 8.12 19.73
CA VAL A 305 -1.36 8.09 21.09
C VAL A 305 0.15 8.09 21.04
N GLN A 306 0.79 8.97 21.82
CA GLN A 306 2.25 8.98 21.94
C GLN A 306 2.60 9.31 23.36
N ASN A 307 3.46 8.47 23.96
CA ASN A 307 3.85 8.64 25.37
C ASN A 307 2.63 8.78 26.27
N GLY A 308 1.60 7.99 26.00
CA GLY A 308 0.40 7.95 26.84
C GLY A 308 -0.55 9.14 26.71
N VAL A 309 -0.26 10.06 25.79
CA VAL A 309 -1.11 11.24 25.55
C VAL A 309 -1.90 10.98 24.26
N THR A 310 -3.21 11.19 24.33
CA THR A 310 -4.12 10.96 23.21
C THR A 310 -4.49 12.23 22.46
N PHE A 311 -4.46 12.18 21.12
CA PHE A 311 -4.85 13.30 20.26
C PHE A 311 -5.80 12.79 19.18
N GLN A 312 -7.00 13.36 19.11
CA GLN A 312 -7.88 13.15 17.96
C GLN A 312 -7.18 13.71 16.73
N GLN A 313 -7.56 13.22 15.55
CA GLN A 313 -7.27 13.91 14.30
C GLN A 313 -7.52 15.43 14.50
N PRO A 314 -6.54 16.29 14.13
CA PRO A 314 -6.78 17.71 14.36
C PRO A 314 -7.95 18.25 13.57
N ASN A 315 -8.64 19.23 14.16
CA ASN A 315 -9.74 19.87 13.48
C ASN A 315 -9.24 20.64 12.25
N ALA A 316 -10.07 20.60 11.20
CA ALA A 316 -9.82 21.36 9.98
C ALA A 316 -11.07 22.13 9.61
N GLU A 317 -10.86 23.28 8.96
CA GLU A 317 -11.96 24.05 8.38
C GLU A 317 -11.66 24.22 6.90
N LEU A 318 -12.62 23.85 6.05
CA LEU A 318 -12.45 23.88 4.59
C LEU A 318 -13.80 24.18 3.98
N GLY A 319 -13.95 25.36 3.35
CA GLY A 319 -15.26 25.77 2.84
C GLY A 319 -16.24 25.77 3.99
N SER A 320 -17.40 25.13 3.82
CA SER A 320 -18.41 25.01 4.88
C SER A 320 -18.19 23.81 5.83
N TYR A 321 -17.13 23.03 5.63
CA TYR A 321 -16.82 21.90 6.51
C TYR A 321 -16.00 22.37 7.71
N SER A 322 -16.33 21.87 8.88
CA SER A 322 -15.51 22.06 10.11
C SER A 322 -15.58 20.77 10.94
N GLY A 323 -14.44 20.25 11.39
CA GLY A 323 -14.45 19.05 12.23
C GLY A 323 -13.19 18.25 12.06
N ASN A 324 -13.22 17.03 12.57
CA ASN A 324 -12.10 16.10 12.44
C ASN A 324 -12.48 14.69 11.97
N GLU A 325 -13.72 14.53 11.52
CA GLU A 325 -14.23 13.27 10.99
C GLU A 325 -14.16 13.33 9.46
N LEU A 326 -13.62 12.28 8.86
CA LEU A 326 -13.56 12.18 7.41
C LEU A 326 -14.92 11.62 6.96
N ASN A 327 -15.79 12.54 6.53
CA ASN A 327 -17.16 12.21 6.14
C ASN A 327 -17.50 12.82 4.78
N ASP A 328 -18.74 12.60 4.32
CA ASP A 328 -19.22 13.11 3.00
C ASP A 328 -19.01 14.62 2.89
N ASP A 329 -19.32 15.33 3.97
CA ASP A 329 -19.21 16.79 3.96
C ASP A 329 -17.76 17.24 3.76
N TYR A 330 -16.84 16.55 4.46
CA TYR A 330 -15.40 16.79 4.27
C TYR A 330 -14.99 16.58 2.81
N CYS A 331 -15.33 15.42 2.25
CA CYS A 331 -14.85 15.05 0.91
C CYS A 331 -15.39 15.98 -0.17
N THR A 332 -16.64 16.41 0.03
CA THR A 332 -17.30 17.35 -0.87
C THR A 332 -16.66 18.72 -0.81
N ALA A 333 -16.37 19.20 0.40
CA ALA A 333 -15.70 20.47 0.61
C ALA A 333 -14.28 20.43 0.07
N GLU A 334 -13.60 19.29 0.25
CA GLU A 334 -12.26 19.13 -0.33
C GLU A 334 -12.25 19.29 -1.84
N GLU A 335 -13.17 18.60 -2.52
CA GLU A 335 -13.29 18.74 -3.98
C GLU A 335 -13.61 20.19 -4.39
N ALA A 336 -14.46 20.85 -3.61
CA ALA A 336 -14.83 22.24 -3.89
C ALA A 336 -13.63 23.21 -3.71
N GLU A 337 -12.83 23.03 -2.67
CA GLU A 337 -11.75 23.99 -2.35
C GLU A 337 -10.41 23.65 -3.00
N PHE A 338 -10.05 22.37 -3.05
CA PHE A 338 -8.77 21.93 -3.68
C PHE A 338 -8.88 21.48 -5.15
N GLY A 339 -10.08 21.15 -5.61
CA GLY A 339 -10.34 20.77 -7.01
C GLY A 339 -10.58 19.28 -7.16
N GLY A 340 -11.10 18.90 -8.33
CA GLY A 340 -11.22 17.50 -8.71
C GLY A 340 -12.62 16.93 -8.47
N SER A 341 -12.93 15.87 -9.19
CA SER A 341 -14.22 15.21 -9.15
C SER A 341 -14.11 13.70 -9.16
N SER A 342 -12.89 13.15 -8.98
CA SER A 342 -12.67 11.74 -9.12
C SER A 342 -13.38 10.96 -8.00
N PHE A 343 -13.19 11.42 -6.77
CA PHE A 343 -13.76 10.74 -5.59
C PHE A 343 -15.28 10.65 -5.70
N SER A 344 -15.93 11.77 -6.04
CA SER A 344 -17.39 11.81 -6.10
C SER A 344 -17.91 11.12 -7.36
N ASP A 345 -17.20 11.24 -8.49
CA ASP A 345 -17.56 10.48 -9.70
C ASP A 345 -17.64 8.99 -9.44
N LYS A 346 -16.70 8.50 -8.63
CA LYS A 346 -16.66 7.08 -8.26
C LYS A 346 -17.58 6.69 -7.11
N GLY A 347 -18.42 7.60 -6.61
CA GLY A 347 -19.48 7.22 -5.64
C GLY A 347 -19.18 7.55 -4.18
N GLY A 348 -18.01 8.16 -3.94
CA GLY A 348 -17.64 8.67 -2.62
C GLY A 348 -17.63 7.60 -1.53
N LEU A 349 -17.92 8.05 -0.31
CA LEU A 349 -17.91 7.17 0.85
C LEU A 349 -19.02 6.10 0.79
N THR A 350 -20.14 6.40 0.12
CA THR A 350 -21.19 5.41 -0.08
C THR A 350 -20.69 4.22 -0.88
N GLN A 351 -19.98 4.47 -1.97
CA GLN A 351 -19.36 3.38 -2.73
C GLN A 351 -18.22 2.75 -1.95
N PHE A 352 -17.47 3.58 -1.21
CA PHE A 352 -16.37 3.03 -0.42
C PHE A 352 -16.83 2.07 0.68
N LYS A 353 -17.98 2.37 1.26
CA LYS A 353 -18.60 1.52 2.27
C LYS A 353 -18.86 0.10 1.76
N LYS A 354 -19.03 -0.09 0.46
CA LYS A 354 -19.17 -1.42 -0.11
C LYS A 354 -17.90 -2.26 0.03
N ALA A 355 -16.74 -1.59 0.00
CA ALA A 355 -15.46 -2.26 0.21
C ALA A 355 -15.25 -2.61 1.68
N THR A 356 -15.48 -1.64 2.57
CA THR A 356 -15.25 -1.90 4.02
C THR A 356 -16.30 -2.86 4.59
N SER A 357 -17.45 -2.98 3.92
CA SER A 357 -18.47 -3.97 4.32
C SER A 357 -18.08 -5.40 4.00
N GLY A 358 -17.21 -5.58 3.01
CA GLY A 358 -16.70 -6.90 2.67
C GLY A 358 -15.32 -7.12 3.24
N GLY A 359 -14.63 -8.14 2.77
CA GLY A 359 -13.28 -8.46 3.25
C GLY A 359 -12.22 -7.69 2.46
N MET A 360 -11.20 -7.19 3.18
CA MET A 360 -10.04 -6.59 2.55
C MET A 360 -8.77 -7.19 3.14
N VAL A 361 -7.72 -7.19 2.32
CA VAL A 361 -6.40 -7.73 2.69
C VAL A 361 -5.49 -6.60 3.19
N LEU A 362 -4.75 -6.87 4.26
CA LEU A 362 -3.81 -5.91 4.83
C LEU A 362 -2.49 -5.95 4.09
N VAL A 363 -2.03 -4.76 3.68
CA VAL A 363 -0.77 -4.59 2.95
C VAL A 363 0.16 -3.69 3.80
N MET A 364 1.43 -4.08 3.91
CA MET A 364 2.46 -3.22 4.48
C MET A 364 3.61 -3.12 3.50
N SER A 365 4.07 -1.89 3.27
CA SER A 365 5.05 -1.66 2.22
C SER A 365 6.01 -0.53 2.55
N LEU A 366 7.13 -0.51 1.82
CA LEU A 366 8.02 0.61 1.80
C LEU A 366 8.43 0.82 0.34
N TRP A 367 8.26 2.04 -0.14
CA TRP A 367 8.53 2.35 -1.54
C TRP A 367 8.99 3.77 -1.75
N ASP A 368 9.67 3.98 -2.89
CA ASP A 368 9.95 5.29 -3.45
C ASP A 368 9.19 5.37 -4.77
N ASP A 369 9.05 6.57 -5.30
CA ASP A 369 8.05 6.87 -6.31
C ASP A 369 8.72 7.31 -7.62
N TYR A 370 8.81 6.36 -8.55
CA TYR A 370 9.42 6.65 -9.87
C TYR A 370 8.57 7.52 -10.81
N TYR A 371 7.32 7.82 -10.46
N TYR A 371 7.35 7.84 -10.43
CA TYR A 371 6.46 8.68 -11.30
CA TYR A 371 6.45 8.64 -11.26
C TYR A 371 6.45 10.13 -10.84
C TYR A 371 6.40 10.10 -10.84
N ALA A 372 6.28 10.35 -9.54
CA ALA A 372 6.16 11.71 -8.99
C ALA A 372 7.00 12.03 -7.75
N ASN A 373 8.00 11.19 -7.42
CA ASN A 373 8.98 11.51 -6.36
C ASN A 373 8.38 11.71 -4.97
N MET A 374 7.17 11.17 -4.77
CA MET A 374 6.40 11.27 -3.54
C MET A 374 6.00 12.73 -3.20
N LEU A 375 6.02 13.62 -4.18
CA LEU A 375 5.78 15.04 -3.92
C LEU A 375 4.33 15.30 -3.52
N TRP A 376 3.45 14.46 -4.05
CA TRP A 376 2.03 14.48 -3.73
C TRP A 376 1.75 14.21 -2.24
N LEU A 377 2.68 13.56 -1.54
CA LEU A 377 2.53 13.28 -0.13
C LEU A 377 3.20 14.32 0.75
N ASP A 378 4.40 14.77 0.38
CA ASP A 378 5.24 15.49 1.35
C ASP A 378 5.82 16.82 0.88
N SER A 379 5.34 17.32 -0.26
CA SER A 379 5.93 18.53 -0.86
C SER A 379 4.82 19.45 -1.40
N THR A 380 5.19 20.32 -2.33
CA THR A 380 4.24 21.13 -3.07
C THR A 380 4.01 20.45 -4.41
N TYR A 381 2.74 20.23 -4.75
CA TYR A 381 2.40 19.44 -5.92
C TYR A 381 1.09 19.93 -6.53
N PRO A 382 1.04 20.19 -7.84
CA PRO A 382 2.21 20.19 -8.75
C PRO A 382 3.29 21.21 -8.36
N THR A 383 4.52 21.02 -8.83
CA THR A 383 5.64 21.81 -8.29
C THR A 383 5.67 23.26 -8.77
N ASN A 384 4.96 23.56 -9.85
CA ASN A 384 4.80 24.96 -10.31
C ASN A 384 3.86 25.78 -9.41
N GLU A 385 3.03 25.13 -8.58
CA GLU A 385 2.12 25.84 -7.70
C GLU A 385 2.84 26.44 -6.51
N THR A 386 2.17 27.32 -5.79
CA THR A 386 2.71 27.92 -4.57
C THR A 386 1.68 27.73 -3.48
N SER A 387 2.00 28.21 -2.27
CA SER A 387 1.09 28.16 -1.14
C SER A 387 -0.20 28.98 -1.33
N SER A 388 -0.21 29.89 -2.31
CA SER A 388 -1.44 30.61 -2.67
C SER A 388 -2.49 29.69 -3.32
N THR A 389 -2.04 28.59 -3.93
CA THR A 389 -2.95 27.60 -4.52
C THR A 389 -3.50 26.68 -3.41
N PRO A 390 -4.83 26.65 -3.21
CA PRO A 390 -5.33 25.86 -2.09
C PRO A 390 -4.97 24.39 -2.21
N GLY A 391 -4.41 23.83 -1.14
CA GLY A 391 -4.07 22.42 -1.08
C GLY A 391 -2.78 22.04 -1.79
N ALA A 392 -2.05 23.00 -2.33
CA ALA A 392 -0.85 22.67 -3.12
C ALA A 392 0.27 22.14 -2.22
N VAL A 393 0.41 22.71 -1.03
CA VAL A 393 1.49 22.35 -0.11
C VAL A 393 0.98 21.21 0.76
N ARG A 394 1.57 20.03 0.61
CA ARG A 394 1.21 18.86 1.43
C ARG A 394 2.22 18.55 2.50
N GLY A 395 3.42 19.13 2.40
CA GLY A 395 4.46 18.92 3.38
C GLY A 395 5.62 19.87 3.11
N SER A 396 6.61 19.82 3.98
CA SER A 396 7.75 20.75 3.99
C SER A 396 8.95 20.31 3.14
N CYS A 397 8.88 19.15 2.51
CA CYS A 397 9.98 18.67 1.67
C CYS A 397 10.12 19.54 0.40
N SER A 398 11.38 19.74 -0.02
CA SER A 398 11.65 20.46 -1.25
C SER A 398 11.00 19.81 -2.43
N THR A 399 10.56 20.61 -3.39
CA THR A 399 10.05 20.09 -4.65
C THR A 399 11.13 19.34 -5.48
N SER A 400 12.40 19.46 -5.07
CA SER A 400 13.53 18.69 -5.66
C SER A 400 13.76 17.32 -5.01
N SER A 401 12.98 17.00 -3.99
CA SER A 401 13.25 15.85 -3.15
C SER A 401 12.70 14.57 -3.78
N GLY A 402 13.17 13.42 -3.30
CA GLY A 402 12.58 12.12 -3.63
C GLY A 402 12.94 11.50 -4.96
N VAL A 403 13.98 11.99 -5.62
CA VAL A 403 14.44 11.34 -6.86
C VAL A 403 14.87 9.93 -6.44
N PRO A 404 14.26 8.89 -7.03
CA PRO A 404 14.58 7.53 -6.54
C PRO A 404 16.07 7.17 -6.50
N ALA A 405 16.80 7.43 -7.58
CA ALA A 405 18.21 7.06 -7.59
C ALA A 405 18.98 7.80 -6.48
N GLN A 406 18.56 9.03 -6.17
CA GLN A 406 19.25 9.83 -5.18
C GLN A 406 18.97 9.36 -3.79
N VAL A 407 17.70 9.15 -3.47
CA VAL A 407 17.35 8.67 -2.12
CA VAL A 407 17.35 8.67 -2.13
C VAL A 407 17.85 7.24 -1.89
N GLU A 408 17.87 6.43 -2.94
CA GLU A 408 18.44 5.07 -2.83
C GLU A 408 19.96 5.11 -2.51
N SER A 409 20.63 6.06 -3.13
CA SER A 409 22.06 6.25 -2.89
C SER A 409 22.32 6.85 -1.51
N GLN A 410 21.53 7.85 -1.12
CA GLN A 410 21.78 8.61 0.11
C GLN A 410 21.22 8.00 1.38
N SER A 411 20.10 7.29 1.29
CA SER A 411 19.39 6.76 2.46
C SER A 411 19.10 5.26 2.36
N PRO A 412 20.12 4.44 1.97
CA PRO A 412 19.84 3.02 1.76
C PRO A 412 19.41 2.27 3.04
N ASN A 413 19.83 2.78 4.20
CA ASN A 413 19.47 2.17 5.47
C ASN A 413 18.16 2.63 6.05
N ALA A 414 17.42 3.46 5.32
CA ALA A 414 16.06 3.82 5.70
C ALA A 414 15.24 2.56 5.93
N LYS A 415 14.22 2.67 6.77
CA LYS A 415 13.38 1.53 7.13
C LYS A 415 12.14 2.00 7.84
N VAL A 416 11.13 1.14 7.84
CA VAL A 416 9.89 1.35 8.59
C VAL A 416 9.65 0.13 9.47
N THR A 417 9.14 0.36 10.68
CA THR A 417 8.72 -0.72 11.55
C THR A 417 7.27 -0.54 11.96
N PHE A 418 6.44 -1.51 11.58
CA PHE A 418 5.07 -1.58 12.01
C PHE A 418 5.00 -2.62 13.11
N SER A 419 4.27 -2.33 14.18
CA SER A 419 4.11 -3.32 15.23
C SER A 419 2.78 -3.23 15.98
N ASN A 420 2.49 -4.26 16.76
CA ASN A 420 1.37 -4.26 17.68
C ASN A 420 0.03 -3.93 17.01
N ILE A 421 -0.27 -4.63 15.93
CA ILE A 421 -1.54 -4.54 15.27
C ILE A 421 -2.63 -5.10 16.16
N LYS A 422 -3.70 -4.35 16.29
CA LYS A 422 -4.87 -4.76 17.05
C LYS A 422 -6.10 -4.38 16.26
N PHE A 423 -7.07 -5.27 16.23
CA PHE A 423 -8.26 -5.10 15.41
C PHE A 423 -9.49 -5.62 16.14
N GLY A 424 -10.58 -4.88 16.06
CA GLY A 424 -11.86 -5.32 16.67
C GLY A 424 -12.89 -4.22 16.62
N PRO A 425 -14.03 -4.42 17.32
CA PRO A 425 -15.06 -3.42 17.43
C PRO A 425 -14.53 -2.06 17.86
N ILE A 426 -15.15 -1.02 17.31
CA ILE A 426 -14.84 0.33 17.74
C ILE A 426 -14.90 0.40 19.25
N GLY A 427 -13.90 1.07 19.81
CA GLY A 427 -13.70 1.17 21.25
C GLY A 427 -12.95 0.06 21.97
N SER A 428 -12.56 -0.99 21.25
CA SER A 428 -12.06 -2.20 21.88
C SER A 428 -10.53 -2.33 21.92
N THR A 429 -9.80 -1.65 21.03
CA THR A 429 -8.39 -1.99 20.81
C THR A 429 -7.41 -1.42 21.83
N GLY A 430 -7.84 -0.49 22.67
CA GLY A 430 -7.03 0.06 23.74
C GLY A 430 -7.01 -0.79 25.01
N ASN A 431 -7.80 -1.85 25.05
CA ASN A 431 -7.87 -2.74 26.21
C ASN A 431 -6.67 -3.68 26.23
N PRO A 432 -6.44 -4.37 27.37
CA PRO A 432 -5.20 -5.16 27.44
C PRO A 432 -5.09 -6.26 26.38
N SER A 433 -3.91 -6.33 25.78
CA SER A 433 -3.55 -7.42 24.87
C SER A 433 -3.46 -8.74 25.64
N GLY A 434 -3.96 -9.81 25.03
CA GLY A 434 -3.71 -11.17 25.49
C GLY A 434 -2.42 -11.63 24.83
C1 NAG B . -2.69 21.24 15.51
C2 NAG B . -3.05 22.54 16.25
C3 NAG B . -2.79 22.41 17.73
C4 NAG B . -3.55 21.20 18.25
C5 NAG B . -3.11 19.96 17.48
C6 NAG B . -3.82 18.71 17.97
C7 NAG B . -2.72 24.39 14.68
C8 NAG B . -1.83 25.52 14.24
N2 NAG B . -2.28 23.66 15.72
O3 NAG B . -3.22 23.61 18.40
O4 NAG B . -3.27 21.03 19.64
O5 NAG B . -3.39 20.14 16.09
O6 NAG B . -5.22 18.83 17.68
O7 NAG B . -3.75 24.15 14.10
CO CO C . -19.64 10.04 13.18
CO CO D . -6.74 -7.95 -22.78
N1 F9B E . -0.98 3.99 -2.50
C4 F9B E . 0.57 9.46 -7.15
C5 F9B E . 0.13 8.27 -6.57
C6 F9B E . 0.90 7.11 -6.74
C7 F9B E . -0.18 10.62 -7.00
C8 F9B E . -1.38 10.60 -6.29
C10 F9B E . -1.06 8.24 -5.86
C13 F9B E . -1.06 5.02 -3.51
C15 F9B E . -0.35 1.76 -3.34
O2 F9B E . -3.28 4.83 -4.50
C12 F9B E . -2.45 5.61 -3.63
C14 F9B E . 0.07 2.99 -2.53
O3 F9B E . -0.63 2.14 -4.69
C16 F9B E . 0.45 2.56 -1.11
O4 F9B E . 1.19 3.58 -0.44
C11 F9B E . -2.36 7.03 -4.17
O1 F9B E . -1.50 7.06 -5.30
C9 F9B E . -1.81 9.41 -5.72
C3 F9B E . 1.76 9.51 -7.87
C2 F9B E . 2.52 8.35 -8.02
C1 F9B E . 2.09 7.15 -7.45
#